data_4RK4
#
_entry.id   4RK4
#
_cell.length_a   108.854
_cell.length_b   108.854
_cell.length_c   125.885
_cell.angle_alpha   90.00
_cell.angle_beta   90.00
_cell.angle_gamma   120.00
#
_symmetry.space_group_name_H-M   'H 3 2'
#
loop_
_entity.id
_entity.type
_entity.pdbx_description
1 polymer 'Transcriptional regulator, LacI family'
2 non-polymer alpha-D-glucopyranose
3 non-polymer 'SODIUM ION'
4 water water
#
_entity_poly.entity_id   1
_entity_poly.type   'polypeptide(L)'
_entity_poly.pdbx_seq_one_letter_code
;QSMLRAQATGNIGVLVSRVTNPFFAGLFDAIERELHAHGYQVMITQTYDDPEAEERFLKQLKSRELDGVILASVEAPDRV
MAVAKAFPGRVVVVNADVQIPGATSLVLPHYQATRDALDYLFNQGHRRFAYVSGGTISGAHHGQSRTQAFLDFMQAHQLL
VAQDLLFGQIHTAKEGQAVGKQLASLAPNVRPDAVFTNSDEVAVGVIDSLLAADVKVPDDIAVMGYDDQPFAPFAKIPLT
TVHQPVASMAAAATHELLKGLGRQVAQDTQPTLHLSLKIRQSA
;
_entity_poly.pdbx_strand_id   A
#
# COMPACT_ATOMS: atom_id res chain seq x y z
N THR A 9 -28.15 10.90 7.91
CA THR A 9 -26.76 10.70 7.41
C THR A 9 -25.79 11.54 8.22
N GLY A 10 -24.98 10.86 9.05
CA GLY A 10 -24.13 11.40 10.11
C GLY A 10 -22.62 11.48 9.86
N ASN A 11 -21.85 10.95 10.82
CA ASN A 11 -20.38 11.05 10.81
C ASN A 11 -19.78 9.71 10.53
N ILE A 12 -18.81 9.67 9.61
CA ILE A 12 -18.06 8.49 9.27
C ILE A 12 -16.59 8.76 9.50
N GLY A 13 -15.89 7.78 10.06
CA GLY A 13 -14.43 7.88 10.18
C GLY A 13 -13.69 6.97 9.23
N VAL A 14 -12.56 7.45 8.74
CA VAL A 14 -11.66 6.67 7.92
C VAL A 14 -10.33 6.57 8.65
N LEU A 15 -9.77 5.39 8.71
CA LEU A 15 -8.50 5.15 9.40
C LEU A 15 -7.43 4.71 8.44
N VAL A 16 -6.29 5.41 8.45
CA VAL A 16 -5.15 5.10 7.60
C VAL A 16 -3.88 5.15 8.44
N SER A 17 -2.77 4.66 7.91
CA SER A 17 -1.50 4.74 8.65
C SER A 17 -0.93 6.16 8.57
N ARG A 18 -1.00 6.82 7.43
CA ARG A 18 -0.33 8.11 7.22
C ARG A 18 -1.00 8.88 6.12
N VAL A 19 -1.49 10.09 6.42
CA VAL A 19 -2.15 10.92 5.45
C VAL A 19 -1.20 11.50 4.40
N THR A 20 0.07 11.70 4.73
CA THR A 20 1.05 12.19 3.78
C THR A 20 1.50 11.08 2.79
N ASN A 21 0.94 9.88 2.92
CA ASN A 21 1.10 8.87 1.85
C ASN A 21 0.03 9.20 0.78
N PRO A 22 0.43 9.62 -0.43
CA PRO A 22 -0.58 10.06 -1.39
C PRO A 22 -1.57 8.96 -1.75
N PHE A 23 -1.24 7.70 -1.60
CA PHE A 23 -2.19 6.64 -1.78
C PHE A 23 -3.35 6.81 -0.81
N PHE A 24 -3.04 6.98 0.47
CA PHE A 24 -4.10 7.14 1.46
C PHE A 24 -4.85 8.41 1.30
N ALA A 25 -4.17 9.53 0.98
CA ALA A 25 -4.89 10.77 0.75
C ALA A 25 -5.91 10.60 -0.38
N GLY A 26 -5.46 9.95 -1.48
CA GLY A 26 -6.33 9.76 -2.61
C GLY A 26 -7.49 8.81 -2.32
N LEU A 27 -7.24 7.76 -1.57
CA LEU A 27 -8.34 6.84 -1.16
C LEU A 27 -9.35 7.56 -0.31
N PHE A 28 -8.85 8.33 0.65
CA PHE A 28 -9.75 9.13 1.50
C PHE A 28 -10.57 10.09 0.64
N ASP A 29 -9.95 10.80 -0.29
CA ASP A 29 -10.68 11.76 -1.05
C ASP A 29 -11.81 11.12 -1.86
N ALA A 30 -11.54 9.98 -2.46
CA ALA A 30 -12.57 9.32 -3.26
C ALA A 30 -13.71 8.84 -2.39
N ILE A 31 -13.40 8.29 -1.23
CA ILE A 31 -14.44 7.87 -0.25
C ILE A 31 -15.22 9.08 0.17
N GLU A 32 -14.53 10.12 0.57
CA GLU A 32 -15.17 11.27 1.18
C GLU A 32 -16.11 11.96 0.17
N ARG A 33 -15.72 12.10 -1.08
CA ARG A 33 -16.57 12.81 -2.04
C ARG A 33 -17.86 11.99 -2.24
N GLU A 34 -17.81 10.68 -2.27
CA GLU A 34 -19.01 9.90 -2.47
C GLU A 34 -19.88 9.96 -1.21
N LEU A 35 -19.31 9.77 -0.02
CA LEU A 35 -20.06 9.83 1.20
C LEU A 35 -20.66 11.21 1.43
N HIS A 36 -19.93 12.25 1.11
CA HIS A 36 -20.41 13.58 1.21
C HIS A 36 -21.68 13.78 0.31
N ALA A 37 -21.61 13.23 -0.89
CA ALA A 37 -22.80 13.31 -1.80
C ALA A 37 -24.00 12.67 -1.17
N HIS A 38 -23.85 11.65 -0.33
CA HIS A 38 -24.87 10.99 0.37
C HIS A 38 -25.28 11.61 1.70
N GLY A 39 -24.67 12.77 1.97
CA GLY A 39 -25.07 13.48 3.14
C GLY A 39 -24.22 13.30 4.38
N TYR A 40 -23.13 12.51 4.34
CA TYR A 40 -22.30 12.25 5.51
C TYR A 40 -21.14 13.24 5.61
N GLN A 41 -20.72 13.44 6.85
CA GLN A 41 -19.50 14.14 7.16
C GLN A 41 -18.41 13.12 7.47
N VAL A 42 -17.28 13.20 6.80
CA VAL A 42 -16.25 12.20 6.91
C VAL A 42 -14.99 12.81 7.45
N MET A 43 -14.35 12.11 8.35
CA MET A 43 -13.10 12.55 8.98
C MET A 43 -12.09 11.48 8.89
N ILE A 44 -10.81 11.84 8.75
CA ILE A 44 -9.74 10.87 8.69
C ILE A 44 -8.85 11.05 9.87
N THR A 45 -8.36 9.91 10.39
CA THR A 45 -7.39 9.81 11.46
C THR A 45 -6.23 8.94 10.94
N GLN A 46 -5.01 9.24 11.37
CA GLN A 46 -3.85 8.43 11.04
C GLN A 46 -3.25 7.76 12.26
N THR A 47 -2.70 6.56 12.08
CA THR A 47 -2.20 5.75 13.20
C THR A 47 -0.69 5.71 13.29
N TYR A 48 0.05 5.94 12.25
CA TYR A 48 1.48 5.59 12.24
C TYR A 48 1.71 4.18 12.75
N ASP A 49 0.81 3.29 12.42
CA ASP A 49 0.87 1.85 12.75
C ASP A 49 0.83 1.58 14.24
N ASP A 50 0.35 2.50 15.01
CA ASP A 50 0.24 2.31 16.46
C ASP A 50 -1.08 1.65 16.78
N PRO A 51 -1.08 0.43 17.35
CA PRO A 51 -2.32 -0.20 17.76
C PRO A 51 -3.15 0.59 18.73
N GLU A 52 -2.53 1.42 19.59
CA GLU A 52 -3.29 2.25 20.50
C GLU A 52 -4.14 3.31 19.79
N ALA A 53 -3.56 3.85 18.68
CA ALA A 53 -4.31 4.82 17.86
C ALA A 53 -5.51 4.18 17.19
N GLU A 54 -5.35 2.94 16.76
CA GLU A 54 -6.48 2.19 16.17
C GLU A 54 -7.54 1.99 17.21
N GLU A 55 -7.12 1.55 18.42
CA GLU A 55 -8.09 1.34 19.55
CA GLU A 55 -8.05 1.36 19.54
C GLU A 55 -8.88 2.62 19.87
N ARG A 56 -8.14 3.73 19.95
CA ARG A 56 -8.75 4.98 20.30
C ARG A 56 -9.79 5.38 19.25
N PHE A 57 -9.45 5.20 17.98
CA PHE A 57 -10.38 5.49 16.88
C PHE A 57 -11.65 4.64 16.99
N LEU A 58 -11.49 3.37 17.25
CA LEU A 58 -12.62 2.47 17.36
C LEU A 58 -13.54 2.82 18.54
N LYS A 59 -12.98 3.40 19.58
CA LYS A 59 -13.83 3.93 20.67
C LYS A 59 -14.81 4.93 20.22
N GLN A 60 -14.52 5.66 19.15
CA GLN A 60 -15.49 6.59 18.62
C GLN A 60 -16.74 5.93 18.04
N LEU A 61 -16.54 4.74 17.46
CA LEU A 61 -17.69 3.98 17.01
C LEU A 61 -18.38 3.35 18.23
N LYS A 62 -17.62 2.82 19.19
CA LYS A 62 -18.23 2.16 20.36
C LYS A 62 -19.10 3.07 21.15
N SER A 63 -18.69 4.35 21.19
CA SER A 63 -19.44 5.37 21.90
CA SER A 63 -19.39 5.47 21.86
C SER A 63 -20.49 6.07 21.05
N ARG A 64 -20.59 5.63 19.78
CA ARG A 64 -21.57 6.16 18.83
C ARG A 64 -21.38 7.65 18.50
N GLU A 65 -20.16 8.11 18.61
CA GLU A 65 -19.78 9.42 18.01
C GLU A 65 -19.74 9.33 16.46
N LEU A 66 -19.49 8.14 15.95
CA LEU A 66 -19.52 7.83 14.54
C LEU A 66 -20.62 6.84 14.21
N ASP A 67 -21.15 6.88 13.04
CA ASP A 67 -22.10 5.89 12.59
C ASP A 67 -21.45 4.69 11.97
N GLY A 68 -20.23 4.90 11.42
CA GLY A 68 -19.56 3.81 10.73
C GLY A 68 -18.13 4.22 10.49
N VAL A 69 -17.30 3.20 10.15
CA VAL A 69 -15.91 3.39 9.89
C VAL A 69 -15.45 2.58 8.72
N ILE A 70 -14.45 3.12 8.00
CA ILE A 70 -13.73 2.42 6.97
C ILE A 70 -12.25 2.41 7.38
N LEU A 71 -11.69 1.24 7.51
CA LEU A 71 -10.28 1.04 7.85
C LEU A 71 -9.53 0.62 6.61
N ALA A 72 -8.51 1.40 6.23
CA ALA A 72 -7.61 1.06 5.14
C ALA A 72 -6.26 0.54 5.62
N SER A 73 -6.10 0.48 6.95
CA SER A 73 -4.94 -0.04 7.66
CA SER A 73 -4.96 -0.09 7.66
C SER A 73 -5.50 -0.74 8.89
N VAL A 74 -4.92 -1.91 9.26
CA VAL A 74 -5.33 -2.67 10.44
C VAL A 74 -4.10 -3.12 11.19
N GLU A 75 -4.09 -2.87 12.47
CA GLU A 75 -3.00 -3.32 13.35
C GLU A 75 -3.35 -4.55 14.14
N ALA A 76 -4.54 -4.55 14.75
CA ALA A 76 -4.96 -5.67 15.62
C ALA A 76 -6.26 -6.27 15.11
N PRO A 77 -6.16 -7.21 14.19
CA PRO A 77 -7.39 -7.81 13.63
C PRO A 77 -8.42 -8.26 14.61
N ASP A 78 -7.96 -8.88 15.71
CA ASP A 78 -8.90 -9.44 16.68
C ASP A 78 -9.69 -8.33 17.38
N ARG A 79 -9.07 -7.15 17.56
CA ARG A 79 -9.73 -6.02 18.20
C ARG A 79 -10.80 -5.45 17.23
N VAL A 80 -10.41 -5.32 15.95
CA VAL A 80 -11.34 -4.86 14.93
C VAL A 80 -12.52 -5.81 14.80
N MET A 81 -12.21 -7.13 14.88
CA MET A 81 -13.29 -8.13 14.80
C MET A 81 -14.32 -7.96 15.96
N ALA A 82 -13.81 -7.72 17.15
CA ALA A 82 -14.75 -7.61 18.28
C ALA A 82 -15.67 -6.40 18.12
N VAL A 83 -15.10 -5.29 17.61
CA VAL A 83 -15.91 -4.15 17.36
C VAL A 83 -16.91 -4.39 16.24
N ALA A 84 -16.42 -5.00 15.15
CA ALA A 84 -17.34 -5.26 14.07
C ALA A 84 -18.51 -6.16 14.46
N LYS A 85 -18.22 -7.15 15.28
CA LYS A 85 -19.26 -8.10 15.71
C LYS A 85 -20.33 -7.39 16.59
N ALA A 86 -19.84 -6.46 17.43
CA ALA A 86 -20.74 -5.65 18.25
C ALA A 86 -21.54 -4.60 17.50
N PHE A 87 -20.99 -4.18 16.31
CA PHE A 87 -21.58 -3.10 15.47
C PHE A 87 -21.78 -3.55 14.06
N PRO A 88 -22.64 -4.54 13.82
CA PRO A 88 -22.76 -5.14 12.53
C PRO A 88 -23.16 -4.06 11.50
N GLY A 89 -22.59 -4.18 10.34
CA GLY A 89 -22.85 -3.23 9.22
C GLY A 89 -22.05 -1.96 9.29
N ARG A 90 -21.34 -1.67 10.38
CA ARG A 90 -20.76 -0.37 10.62
C ARG A 90 -19.26 -0.35 10.45
N VAL A 91 -18.60 -1.47 10.24
CA VAL A 91 -17.15 -1.52 10.06
C VAL A 91 -16.86 -2.15 8.74
N VAL A 92 -16.17 -1.41 7.88
CA VAL A 92 -15.70 -1.91 6.59
C VAL A 92 -14.17 -1.83 6.55
N VAL A 93 -13.54 -2.86 6.01
CA VAL A 93 -12.08 -2.93 5.88
C VAL A 93 -11.76 -2.96 4.40
N VAL A 94 -10.84 -2.11 3.94
CA VAL A 94 -10.49 -2.08 2.52
C VAL A 94 -8.97 -2.10 2.34
N ASN A 95 -8.50 -3.05 1.56
CA ASN A 95 -7.14 -3.09 1.10
C ASN A 95 -6.10 -3.21 2.20
N ALA A 96 -6.45 -3.93 3.26
CA ALA A 96 -5.58 -4.14 4.39
C ALA A 96 -5.01 -5.53 4.44
N ASP A 97 -5.17 -6.31 3.37
CA ASP A 97 -4.63 -7.69 3.28
C ASP A 97 -5.12 -8.63 4.39
N VAL A 98 -6.33 -8.36 4.81
CA VAL A 98 -6.98 -9.14 5.86
C VAL A 98 -8.50 -9.14 5.69
N GLN A 99 -9.13 -10.29 6.01
CA GLN A 99 -10.56 -10.42 6.09
C GLN A 99 -10.89 -10.46 7.58
N ILE A 100 -11.72 -9.53 8.05
CA ILE A 100 -12.08 -9.45 9.45
C ILE A 100 -13.50 -9.95 9.64
N PRO A 101 -13.66 -11.10 10.37
CA PRO A 101 -15.06 -11.58 10.65
C PRO A 101 -15.90 -10.49 11.30
N GLY A 102 -17.10 -10.33 10.75
CA GLY A 102 -18.04 -9.31 11.22
C GLY A 102 -17.97 -7.99 10.48
N ALA A 103 -16.93 -7.82 9.64
CA ALA A 103 -16.75 -6.59 8.84
C ALA A 103 -16.62 -6.96 7.38
N THR A 104 -17.41 -6.32 6.52
CA THR A 104 -17.20 -6.57 5.11
C THR A 104 -15.78 -6.12 4.80
N SER A 105 -15.02 -7.00 4.18
CA SER A 105 -13.61 -6.82 3.97
C SER A 105 -13.25 -7.02 2.55
N LEU A 106 -12.56 -6.05 1.94
CA LEU A 106 -12.12 -6.07 0.55
C LEU A 106 -10.66 -6.25 0.51
N VAL A 107 -10.20 -7.30 -0.15
CA VAL A 107 -8.78 -7.64 -0.28
C VAL A 107 -8.42 -7.61 -1.75
N LEU A 108 -7.31 -7.00 -2.10
CA LEU A 108 -6.81 -6.95 -3.45
C LEU A 108 -5.65 -7.90 -3.55
N PRO A 109 -5.35 -8.37 -4.80
CA PRO A 109 -4.42 -9.53 -4.90
C PRO A 109 -2.97 -9.04 -5.07
N HIS A 110 -2.47 -8.50 -3.99
CA HIS A 110 -1.10 -7.96 -3.99
C HIS A 110 -0.03 -8.98 -4.18
N TYR A 111 -0.24 -10.23 -3.68
CA TYR A 111 0.72 -11.29 -3.93
C TYR A 111 0.81 -11.47 -5.48
N GLN A 112 -0.30 -11.63 -6.17
CA GLN A 112 -0.25 -11.76 -7.60
C GLN A 112 0.40 -10.60 -8.30
N ALA A 113 0.06 -9.39 -7.89
CA ALA A 113 0.60 -8.25 -8.57
C ALA A 113 2.14 -8.17 -8.37
N THR A 114 2.56 -8.49 -7.18
CA THR A 114 3.98 -8.47 -6.86
C THR A 114 4.72 -9.55 -7.67
N ARG A 115 4.19 -10.78 -7.69
CA ARG A 115 4.81 -11.80 -8.55
C ARG A 115 4.85 -11.33 -10.02
N ASP A 116 3.82 -10.72 -10.52
CA ASP A 116 3.78 -10.31 -11.89
C ASP A 116 4.79 -9.19 -12.20
N ALA A 117 4.94 -8.23 -11.28
CA ALA A 117 5.90 -7.16 -11.43
C ALA A 117 7.33 -7.70 -11.35
N LEU A 118 7.58 -8.64 -10.46
CA LEU A 118 8.89 -9.23 -10.38
C LEU A 118 9.20 -10.05 -11.67
N ASP A 119 8.21 -10.77 -12.15
CA ASP A 119 8.39 -11.56 -13.44
C ASP A 119 8.74 -10.58 -14.56
N TYR A 120 8.06 -9.46 -14.64
CA TYR A 120 8.38 -8.41 -15.61
C TYR A 120 9.83 -8.09 -15.53
N LEU A 121 10.34 -7.86 -14.31
CA LEU A 121 11.68 -7.44 -14.12
C LEU A 121 12.67 -8.56 -14.53
N PHE A 122 12.40 -9.76 -14.11
CA PHE A 122 13.24 -10.90 -14.53
C PHE A 122 13.25 -10.98 -16.05
N ASN A 123 12.14 -10.74 -16.68
CA ASN A 123 12.06 -10.83 -18.16
C ASN A 123 12.80 -9.75 -18.89
N GLN A 124 13.03 -8.58 -18.24
CA GLN A 124 13.93 -7.55 -18.77
CA GLN A 124 13.94 -7.55 -18.74
C GLN A 124 15.42 -7.91 -18.59
N GLY A 125 15.72 -9.05 -17.97
CA GLY A 125 17.09 -9.52 -17.72
C GLY A 125 17.69 -9.29 -16.35
N HIS A 126 16.91 -8.68 -15.43
CA HIS A 126 17.44 -8.40 -14.09
C HIS A 126 17.56 -9.69 -13.32
N ARG A 127 18.66 -9.77 -12.56
CA ARG A 127 19.01 -10.94 -11.75
C ARG A 127 19.35 -10.71 -10.28
N ARG A 128 19.89 -9.52 -10.00
CA ARG A 128 20.27 -9.13 -8.61
CA ARG A 128 20.26 -9.14 -8.62
C ARG A 128 19.24 -8.10 -8.16
N PHE A 129 18.47 -8.49 -7.16
CA PHE A 129 17.31 -7.68 -6.70
C PHE A 129 17.51 -7.10 -5.34
N ALA A 130 17.18 -5.84 -5.20
CA ALA A 130 16.96 -5.23 -3.89
C ALA A 130 15.47 -5.15 -3.63
N TYR A 131 15.07 -5.41 -2.40
CA TYR A 131 13.69 -5.43 -2.00
C TYR A 131 13.52 -4.51 -0.80
N VAL A 132 12.58 -3.57 -0.88
CA VAL A 132 12.29 -2.63 0.14
C VAL A 132 10.90 -2.87 0.63
N SER A 133 10.66 -2.77 1.93
CA SER A 133 9.36 -2.91 2.54
C SER A 133 9.19 -1.79 3.56
N GLY A 134 7.91 -1.43 3.76
CA GLY A 134 7.54 -0.61 4.87
C GLY A 134 7.42 -1.29 6.20
N GLY A 135 7.53 -2.58 6.21
CA GLY A 135 7.47 -3.36 7.40
C GLY A 135 8.84 -3.88 7.74
N THR A 136 8.85 -4.58 8.87
CA THR A 136 10.01 -5.19 9.33
C THR A 136 9.86 -6.54 8.78
N ILE A 137 10.76 -6.82 7.86
CA ILE A 137 10.72 -7.97 6.95
C ILE A 137 10.83 -9.32 7.70
N SER A 138 11.59 -9.35 8.79
CA SER A 138 11.82 -10.58 9.60
C SER A 138 10.57 -11.05 10.37
N GLY A 139 9.71 -10.12 10.76
CA GLY A 139 8.47 -10.48 11.47
C GLY A 139 7.20 -10.25 10.67
N ALA A 140 6.07 -10.33 11.36
CA ALA A 140 4.78 -9.98 10.74
C ALA A 140 4.79 -8.49 10.44
N HIS A 141 4.26 -8.15 9.27
CA HIS A 141 4.28 -6.77 8.83
C HIS A 141 3.21 -6.47 7.80
N HIS A 142 2.89 -5.18 7.71
CA HIS A 142 2.10 -4.63 6.63
C HIS A 142 2.91 -4.98 5.37
N GLY A 143 2.18 -5.55 4.42
CA GLY A 143 2.82 -5.83 3.14
C GLY A 143 3.47 -7.20 3.08
N GLN A 144 3.21 -8.04 4.04
CA GLN A 144 3.75 -9.40 3.99
C GLN A 144 3.28 -10.30 2.81
N SER A 145 2.09 -10.06 2.19
CA SER A 145 1.70 -10.81 0.97
CA SER A 145 1.73 -10.78 0.96
C SER A 145 2.77 -10.49 -0.09
N ARG A 146 3.25 -9.27 -0.13
CA ARG A 146 4.25 -8.83 -1.10
C ARG A 146 5.60 -9.43 -0.79
N THR A 147 5.98 -9.49 0.50
CA THR A 147 7.27 -10.06 0.92
C THR A 147 7.26 -11.58 0.56
N GLN A 148 6.14 -12.22 0.78
CA GLN A 148 6.07 -13.66 0.44
C GLN A 148 6.18 -13.84 -1.08
N ALA A 149 5.52 -12.97 -1.85
CA ALA A 149 5.67 -12.99 -3.29
C ALA A 149 7.11 -12.84 -3.73
N PHE A 150 7.83 -11.90 -3.10
CA PHE A 150 9.22 -11.75 -3.39
C PHE A 150 10.02 -13.02 -3.11
N LEU A 151 9.85 -13.58 -1.92
CA LEU A 151 10.65 -14.76 -1.57
C LEU A 151 10.26 -15.90 -2.53
N ASP A 152 8.98 -16.04 -2.86
CA ASP A 152 8.56 -17.13 -3.77
C ASP A 152 9.11 -16.95 -5.14
N PHE A 153 9.18 -15.71 -5.61
CA PHE A 153 9.76 -15.38 -6.91
C PHE A 153 11.26 -15.74 -6.93
N MET A 154 12.01 -15.37 -5.90
CA MET A 154 13.43 -15.63 -5.87
C MET A 154 13.65 -17.16 -5.91
N GLN A 155 12.84 -17.85 -5.15
CA GLN A 155 12.99 -19.35 -5.01
C GLN A 155 12.67 -19.94 -6.38
N ALA A 156 11.61 -19.50 -7.01
CA ALA A 156 11.15 -20.01 -8.36
C ALA A 156 12.22 -19.89 -9.47
N HIS A 157 13.11 -18.89 -9.31
CA HIS A 157 14.25 -18.66 -10.25
C HIS A 157 15.63 -19.03 -9.71
N GLN A 158 15.65 -19.71 -8.56
CA GLN A 158 16.81 -20.09 -7.86
C GLN A 158 17.79 -18.94 -7.75
N LEU A 159 17.25 -17.77 -7.35
CA LEU A 159 18.07 -16.59 -7.07
C LEU A 159 18.37 -16.49 -5.56
N LEU A 160 19.64 -16.31 -5.19
CA LEU A 160 20.03 -16.20 -3.79
C LEU A 160 19.55 -14.84 -3.33
N VAL A 161 18.83 -14.80 -2.24
CA VAL A 161 18.48 -13.54 -1.63
C VAL A 161 19.72 -12.92 -0.99
N ALA A 162 20.08 -11.72 -1.40
CA ALA A 162 21.20 -10.97 -0.81
C ALA A 162 20.64 -10.19 0.37
N GLN A 163 20.98 -10.54 1.56
CA GLN A 163 20.46 -9.89 2.76
C GLN A 163 20.83 -8.39 2.82
N ASP A 164 22.00 -8.08 2.26
CA ASP A 164 22.48 -6.72 2.25
C ASP A 164 21.65 -5.80 1.28
N LEU A 165 20.80 -6.40 0.47
CA LEU A 165 19.90 -5.63 -0.46
C LEU A 165 18.49 -5.68 -0.01
N LEU A 166 18.19 -6.01 1.24
CA LEU A 166 16.90 -5.95 1.83
C LEU A 166 16.84 -4.77 2.77
N PHE A 167 15.78 -3.96 2.65
CA PHE A 167 15.57 -2.74 3.39
C PHE A 167 14.22 -2.69 3.96
N GLY A 168 14.13 -2.73 5.27
CA GLY A 168 12.88 -2.64 5.93
C GLY A 168 12.61 -1.30 6.62
N GLN A 169 11.30 -1.14 6.90
CA GLN A 169 10.80 0.15 7.50
C GLN A 169 11.13 1.37 6.73
N ILE A 170 10.97 1.25 5.39
CA ILE A 170 11.23 2.38 4.52
C ILE A 170 9.90 2.87 3.93
N HIS A 171 9.53 4.11 4.26
CA HIS A 171 8.22 4.63 3.94
C HIS A 171 8.19 5.81 3.05
N THR A 172 9.13 6.75 3.25
CA THR A 172 9.04 8.06 2.65
C THR A 172 10.07 8.27 1.53
N ALA A 173 9.93 9.34 0.78
CA ALA A 173 10.91 9.71 -0.20
C ALA A 173 12.28 9.95 0.42
N LYS A 174 12.32 10.60 1.59
CA LYS A 174 13.59 10.90 2.25
C LYS A 174 14.29 9.61 2.63
N GLU A 175 13.53 8.60 3.12
CA GLU A 175 14.10 7.31 3.41
C GLU A 175 14.56 6.63 2.15
N GLY A 176 13.79 6.78 1.07
CA GLY A 176 14.22 6.23 -0.19
C GLY A 176 15.49 6.90 -0.70
N GLN A 177 15.68 8.18 -0.48
CA GLN A 177 16.94 8.83 -0.83
C GLN A 177 18.13 8.15 -0.14
N ALA A 178 17.95 7.79 1.14
CA ALA A 178 19.04 7.15 1.87
C ALA A 178 19.31 5.78 1.28
N VAL A 179 18.28 5.02 0.94
CA VAL A 179 18.48 3.70 0.29
C VAL A 179 19.21 3.89 -1.03
N GLY A 180 18.73 4.82 -1.85
CA GLY A 180 19.37 5.02 -3.13
C GLY A 180 20.80 5.47 -3.02
N LYS A 181 21.11 6.31 -2.05
CA LYS A 181 22.50 6.74 -1.89
C LYS A 181 23.41 5.54 -1.52
N GLN A 182 22.89 4.67 -0.67
CA GLN A 182 23.64 3.44 -0.36
C GLN A 182 23.82 2.58 -1.57
N LEU A 183 22.75 2.33 -2.34
CA LEU A 183 22.87 1.49 -3.55
C LEU A 183 23.83 2.13 -4.56
N ALA A 184 23.78 3.43 -4.73
CA ALA A 184 24.65 4.10 -5.69
C ALA A 184 26.13 3.98 -5.29
N SER A 185 26.37 3.78 -3.98
CA SER A 185 27.76 3.72 -3.47
C SER A 185 28.41 2.43 -3.87
N LEU A 186 27.64 1.41 -4.25
CA LEU A 186 28.09 0.07 -4.43
C LEU A 186 28.88 -0.13 -5.72
N ALA A 187 29.91 -0.97 -5.64
CA ALA A 187 30.63 -1.38 -6.83
C ALA A 187 29.66 -2.03 -7.77
N PRO A 188 29.91 -1.82 -9.11
CA PRO A 188 28.97 -2.40 -10.07
C PRO A 188 28.67 -3.85 -9.85
N ASN A 189 29.67 -4.68 -9.49
CA ASN A 189 29.43 -6.13 -9.33
C ASN A 189 28.58 -6.59 -8.10
N VAL A 190 28.34 -5.68 -7.14
CA VAL A 190 27.46 -5.99 -5.99
C VAL A 190 26.16 -5.08 -5.99
N ARG A 191 26.14 -4.12 -6.85
CA ARG A 191 24.94 -3.28 -7.04
C ARG A 191 23.77 -4.11 -7.57
N PRO A 192 22.55 -3.88 -7.10
CA PRO A 192 21.41 -4.55 -7.74
C PRO A 192 21.16 -4.09 -9.16
N ASP A 193 20.55 -5.00 -9.94
CA ASP A 193 20.02 -4.68 -11.25
C ASP A 193 18.67 -3.99 -11.22
N ALA A 194 17.96 -4.25 -10.13
CA ALA A 194 16.57 -3.74 -10.01
C ALA A 194 16.21 -3.64 -8.55
N VAL A 195 15.36 -2.68 -8.26
CA VAL A 195 14.87 -2.41 -6.87
C VAL A 195 13.37 -2.45 -6.87
N PHE A 196 12.79 -3.30 -6.02
CA PHE A 196 11.37 -3.34 -5.78
C PHE A 196 11.06 -2.49 -4.57
N THR A 197 10.48 -1.33 -4.76
CA THR A 197 10.40 -0.33 -3.71
C THR A 197 9.20 -0.42 -2.78
N ASN A 198 8.13 -1.05 -3.22
CA ASN A 198 6.87 -1.11 -2.49
C ASN A 198 6.20 0.24 -2.30
N SER A 199 6.63 1.29 -2.97
CA SER A 199 6.01 2.58 -2.76
C SER A 199 6.54 3.61 -3.74
N ASP A 200 5.63 4.33 -4.40
CA ASP A 200 6.06 5.38 -5.30
C ASP A 200 6.79 6.51 -4.59
N GLU A 201 6.42 6.79 -3.32
CA GLU A 201 7.19 7.79 -2.54
C GLU A 201 8.65 7.35 -2.41
N VAL A 202 8.83 6.10 -1.99
CA VAL A 202 10.17 5.56 -1.86
C VAL A 202 10.89 5.60 -3.19
N ALA A 203 10.22 5.17 -4.27
CA ALA A 203 10.87 5.13 -5.58
C ALA A 203 11.38 6.49 -6.02
N VAL A 204 10.60 7.56 -5.82
CA VAL A 204 11.08 8.85 -6.24
C VAL A 204 12.37 9.21 -5.52
N GLY A 205 12.46 8.91 -4.22
CA GLY A 205 13.66 9.18 -3.46
C GLY A 205 14.85 8.32 -3.88
N VAL A 206 14.60 7.04 -4.11
CA VAL A 206 15.67 6.15 -4.58
C VAL A 206 16.22 6.69 -5.86
N ILE A 207 15.37 6.96 -6.84
CA ILE A 207 15.79 7.39 -8.18
C ILE A 207 16.55 8.68 -8.05
N ASP A 208 16.09 9.62 -7.24
CA ASP A 208 16.79 10.88 -7.16
C ASP A 208 18.23 10.69 -6.73
N SER A 209 18.49 9.86 -5.72
CA SER A 209 19.86 9.59 -5.26
C SER A 209 20.64 8.83 -6.27
N LEU A 210 20.08 7.89 -7.01
CA LEU A 210 20.81 7.23 -8.08
C LEU A 210 21.25 8.24 -9.13
N LEU A 211 20.36 9.11 -9.56
CA LEU A 211 20.71 10.07 -10.64
C LEU A 211 21.75 11.05 -10.13
N ALA A 212 21.69 11.44 -8.87
CA ALA A 212 22.68 12.34 -8.29
C ALA A 212 24.09 11.78 -8.35
N ALA A 213 24.19 10.47 -8.35
CA ALA A 213 25.44 9.68 -8.41
C ALA A 213 25.79 9.22 -9.78
N ASP A 214 25.10 9.72 -10.80
CA ASP A 214 25.35 9.30 -12.19
C ASP A 214 25.12 7.83 -12.43
N VAL A 215 24.22 7.24 -11.63
CA VAL A 215 23.77 5.89 -11.88
C VAL A 215 22.55 5.98 -12.86
N LYS A 216 22.57 5.25 -13.94
CA LYS A 216 21.52 5.35 -14.91
C LYS A 216 20.31 4.52 -14.48
N VAL A 217 19.15 5.17 -14.63
CA VAL A 217 17.85 4.49 -14.37
C VAL A 217 17.05 4.49 -15.70
N PRO A 218 16.68 3.37 -16.26
CA PRO A 218 16.84 2.03 -15.71
C PRO A 218 18.10 1.23 -16.09
N ASP A 219 18.96 1.83 -16.92
CA ASP A 219 20.02 1.01 -17.53
C ASP A 219 20.98 0.36 -16.53
N ASP A 220 21.37 1.12 -15.54
CA ASP A 220 22.21 0.55 -14.46
C ASP A 220 21.37 -0.13 -13.38
N ILE A 221 20.34 0.61 -12.91
CA ILE A 221 19.44 0.04 -11.88
C ILE A 221 18.00 0.42 -12.30
N ALA A 222 17.16 -0.58 -12.47
CA ALA A 222 15.73 -0.37 -12.73
C ALA A 222 15.02 -0.23 -11.41
N VAL A 223 14.05 0.66 -11.36
CA VAL A 223 13.33 0.96 -10.10
C VAL A 223 11.85 0.77 -10.30
N MET A 224 11.23 -0.17 -9.61
CA MET A 224 9.80 -0.47 -9.69
C MET A 224 9.09 0.22 -8.52
N GLY A 225 8.12 1.05 -8.81
CA GLY A 225 7.28 1.73 -7.82
C GLY A 225 6.19 0.82 -7.30
N TYR A 226 5.32 1.39 -6.44
CA TYR A 226 4.05 0.71 -6.12
C TYR A 226 3.03 1.78 -5.82
N ASP A 227 1.88 1.67 -6.45
CA ASP A 227 0.61 2.35 -6.20
C ASP A 227 0.10 3.07 -7.45
N ASP A 228 0.96 3.71 -8.20
CA ASP A 228 0.59 4.67 -9.26
C ASP A 228 -0.06 5.88 -8.64
N GLN A 229 0.69 6.52 -7.78
CA GLN A 229 0.28 7.72 -7.10
C GLN A 229 0.22 8.90 -8.10
N PRO A 230 -0.41 10.02 -7.67
CA PRO A 230 -0.60 11.13 -8.62
C PRO A 230 0.67 11.63 -9.30
N PHE A 231 1.75 11.67 -8.56
CA PHE A 231 3.00 12.16 -9.10
C PHE A 231 3.76 11.16 -9.97
N ALA A 232 3.39 9.90 -9.93
CA ALA A 232 4.13 8.83 -10.65
C ALA A 232 4.47 9.19 -12.11
N PRO A 233 3.45 9.55 -12.94
CA PRO A 233 3.74 9.89 -14.35
C PRO A 233 4.60 11.09 -14.52
N PHE A 234 4.71 11.98 -13.50
CA PHE A 234 5.38 13.24 -13.51
C PHE A 234 6.77 13.22 -12.96
N ALA A 235 7.20 12.01 -12.51
CA ALA A 235 8.49 11.90 -11.88
C ALA A 235 9.63 12.15 -12.91
N LYS A 236 10.78 12.50 -12.38
CA LYS A 236 11.95 12.74 -13.24
C LYS A 236 12.23 11.63 -14.22
N ILE A 237 12.14 10.40 -13.74
CA ILE A 237 12.09 9.20 -14.58
C ILE A 237 10.66 8.63 -14.32
N PRO A 238 9.69 8.87 -15.22
CA PRO A 238 8.33 8.47 -14.97
C PRO A 238 8.27 7.02 -14.49
N LEU A 239 7.44 6.79 -13.44
CA LEU A 239 7.54 5.50 -12.74
C LEU A 239 6.83 4.37 -13.40
N THR A 240 7.56 3.26 -13.64
CA THR A 240 6.97 1.98 -13.80
C THR A 240 6.53 1.50 -12.42
N THR A 241 5.30 1.04 -12.27
CA THR A 241 4.70 0.84 -10.96
C THR A 241 3.55 -0.08 -11.02
N VAL A 242 3.09 -0.58 -9.89
CA VAL A 242 1.85 -1.34 -9.76
C VAL A 242 0.72 -0.42 -9.46
N HIS A 243 -0.25 -0.31 -10.38
CA HIS A 243 -1.38 0.57 -10.23
C HIS A 243 -2.47 -0.03 -9.35
N GLN A 244 -2.76 0.72 -8.29
CA GLN A 244 -3.91 0.38 -7.44
C GLN A 244 -5.14 1.15 -7.93
N PRO A 245 -6.29 0.45 -7.94
CA PRO A 245 -7.51 1.08 -8.50
C PRO A 245 -8.24 1.88 -7.40
N VAL A 246 -7.64 3.02 -7.08
CA VAL A 246 -8.10 3.85 -5.94
C VAL A 246 -9.59 4.18 -6.06
N ALA A 247 -10.02 4.72 -7.21
CA ALA A 247 -11.43 5.11 -7.32
C ALA A 247 -12.38 3.91 -7.20
N SER A 248 -12.05 2.79 -7.79
CA SER A 248 -12.88 1.62 -7.74
C SER A 248 -12.96 1.05 -6.35
N MET A 249 -11.82 0.96 -5.64
CA MET A 249 -11.88 0.41 -4.30
C MET A 249 -12.59 1.33 -3.36
N ALA A 250 -12.43 2.64 -3.55
CA ALA A 250 -13.19 3.59 -2.75
C ALA A 250 -14.71 3.41 -2.92
N ALA A 251 -15.14 3.27 -4.17
CA ALA A 251 -16.56 3.13 -4.47
C ALA A 251 -17.08 1.84 -3.85
N ALA A 252 -16.28 0.76 -3.90
CA ALA A 252 -16.69 -0.49 -3.35
C ALA A 252 -16.83 -0.42 -1.83
N ALA A 253 -15.80 0.17 -1.20
CA ALA A 253 -15.86 0.33 0.24
C ALA A 253 -17.03 1.17 0.73
N THR A 254 -17.23 2.24 0.01
CA THR A 254 -18.32 3.18 0.30
C THR A 254 -19.70 2.47 0.18
N HIS A 255 -19.86 1.72 -0.89
CA HIS A 255 -21.09 0.99 -1.09
C HIS A 255 -21.30 -0.03 0.01
N GLU A 256 -20.23 -0.76 0.38
CA GLU A 256 -20.39 -1.74 1.43
C GLU A 256 -20.79 -1.13 2.74
N LEU A 257 -20.25 0.05 3.07
CA LEU A 257 -20.63 0.72 4.25
C LEU A 257 -22.08 1.20 4.18
N LEU A 258 -22.43 1.87 3.07
CA LEU A 258 -23.79 2.39 2.97
C LEU A 258 -24.86 1.27 2.97
N LYS A 259 -24.52 0.15 2.40
CA LYS A 259 -25.41 -1.02 2.48
C LYS A 259 -25.60 -1.44 3.94
N GLY A 260 -24.49 -1.56 4.68
CA GLY A 260 -24.53 -1.95 6.07
C GLY A 260 -25.26 -0.99 6.95
N LEU A 261 -25.23 0.30 6.63
CA LEU A 261 -25.95 1.34 7.30
C LEU A 261 -27.46 1.39 6.96
N GLY A 262 -27.86 0.64 5.94
CA GLY A 262 -29.26 0.64 5.48
C GLY A 262 -29.58 1.74 4.55
N ARG A 263 -28.60 2.44 4.05
CA ARG A 263 -28.80 3.55 3.15
CA ARG A 263 -28.80 3.55 3.13
C ARG A 263 -28.93 3.11 1.71
N GLN A 264 -28.19 2.13 1.28
CA GLN A 264 -28.20 1.66 -0.06
C GLN A 264 -28.71 0.27 -0.17
N VAL A 265 -29.35 -0.03 -1.33
CA VAL A 265 -29.80 -1.37 -1.72
CA VAL A 265 -29.79 -1.38 -1.69
C VAL A 265 -28.64 -2.22 -2.23
N ALA A 266 -28.77 -3.53 -2.14
CA ALA A 266 -27.79 -4.41 -2.71
C ALA A 266 -27.76 -4.28 -4.21
N GLN A 267 -26.61 -4.62 -4.78
CA GLN A 267 -26.40 -4.60 -6.24
C GLN A 267 -25.99 -5.96 -6.80
N LEU A 273 -12.08 -5.67 -8.54
CA LEU A 273 -10.95 -4.75 -8.29
C LEU A 273 -9.59 -5.38 -8.74
N HIS A 274 -8.95 -4.74 -9.69
CA HIS A 274 -7.77 -5.26 -10.39
C HIS A 274 -6.61 -4.40 -10.04
N LEU A 275 -5.48 -5.05 -9.79
CA LEU A 275 -4.17 -4.35 -9.80
C LEU A 275 -3.59 -4.54 -11.22
N SER A 276 -2.86 -3.59 -11.70
CA SER A 276 -2.28 -3.64 -13.04
C SER A 276 -0.87 -3.09 -13.04
N LEU A 277 -0.02 -3.64 -13.87
CA LEU A 277 1.31 -3.11 -14.05
C LEU A 277 1.27 -1.98 -15.02
N LYS A 278 1.78 -0.81 -14.65
CA LYS A 278 1.86 0.37 -15.40
C LYS A 278 3.29 0.61 -15.80
N ILE A 279 3.60 0.42 -17.09
CA ILE A 279 4.99 0.54 -17.57
CA ILE A 279 4.99 0.53 -17.58
C ILE A 279 5.25 1.92 -18.08
N ARG A 280 6.25 2.57 -17.51
CA ARG A 280 6.66 3.87 -17.98
C ARG A 280 8.16 3.83 -18.27
N GLN A 281 8.97 4.61 -17.58
CA GLN A 281 10.39 4.70 -17.89
C GLN A 281 11.36 4.15 -16.83
N SER A 282 10.94 4.07 -15.57
CA SER A 282 11.93 3.75 -14.52
C SER A 282 12.30 2.28 -14.47
N ALA A 283 11.53 1.44 -15.07
CA ALA A 283 11.78 0.02 -15.22
C ALA A 283 11.06 -0.55 -16.42
#